data_6A8H
#
_entry.id   6A8H
#
_cell.length_a   40.125
_cell.length_b   77.032
_cell.length_c   88.701
_cell.angle_alpha   90.00
_cell.angle_beta   90.00
_cell.angle_gamma   90.00
#
_symmetry.space_group_name_H-M   'P 21 21 21'
#
loop_
_entity.id
_entity.type
_entity.pdbx_description
1 polymer endo-alpha-(1->5)-L-arabinanase
2 branched alpha-L-arabinofuranose-(1-5)-alpha-L-arabinofuranose-(1-5)-alpha-L-arabinofuranose
3 non-polymer 'CALCIUM ION'
4 non-polymer 'MAGNESIUM ION'
5 water water
#
_entity_poly.entity_id   1
_entity_poly.type   'polypeptide(L)'
_entity_poly.pdbx_seq_one_letter_code
;MVHFHPFGNVNFYEMDWSLKGDLWAHAPVIAKEGSRWYVFHTGSGIQIKTSEDGVHWENMGRVFPSLPDWCKQYVPEKDE
DHLWAPDICFYNGIYYLYYSVSTFGKNTSVIGLATNRTLDPRDPDYEWKDMGPVIHSTASDNYNAIDPNVVFDQEGQPWL
SFGSFWSGIQLIQLDTETMKPAAQAELLTIASRGEEPNAIEAPFIVCRNGYYYLFVSFDFCCRGIESTYKIAVGRSKDIT
GPYVDKNGVSMMQGGGTILDAGNDRWIGPGHCAVYFSGVSAILVNHAYDALKNGEPTLQIRPLYWDDEGWPYLLEHHHHH
H
;
_entity_poly.pdbx_strand_id   A
#
loop_
_chem_comp.id
_chem_comp.type
_chem_comp.name
_chem_comp.formula
AHR L-saccharide, alpha linking alpha-L-arabinofuranose 'C5 H10 O5'
CA non-polymer 'CALCIUM ION' 'Ca 2'
MG non-polymer 'MAGNESIUM ION' 'Mg 2'
#
# COMPACT_ATOMS: atom_id res chain seq x y z
N VAL A 2 -0.21 -2.96 16.18
CA VAL A 2 -1.41 -2.41 15.45
C VAL A 2 -2.38 -3.56 15.29
N HIS A 3 -3.61 -3.45 15.80
CA HIS A 3 -4.49 -4.62 15.89
C HIS A 3 -4.80 -5.24 14.53
N PHE A 4 -4.80 -4.42 13.48
CA PHE A 4 -5.25 -4.86 12.19
C PHE A 4 -4.09 -5.24 11.28
N HIS A 5 -2.84 -5.01 11.72
CA HIS A 5 -1.60 -5.50 11.07
C HIS A 5 -0.75 -6.17 12.06
N PRO A 6 -1.23 -7.30 12.65
CA PRO A 6 -0.47 -7.88 13.77
C PRO A 6 0.77 -8.63 13.37
N PHE A 7 1.91 -8.38 14.07
CA PHE A 7 3.19 -9.17 13.89
C PHE A 7 3.68 -9.98 15.11
N GLY A 8 3.03 -9.91 16.25
CA GLY A 8 3.54 -10.74 17.37
C GLY A 8 4.78 -10.15 18.10
N ASN A 9 5.63 -11.07 18.56
CA ASN A 9 6.90 -10.83 19.24
C ASN A 9 7.95 -11.14 18.16
N VAL A 10 8.21 -10.15 17.35
CA VAL A 10 9.35 -10.20 16.49
C VAL A 10 10.00 -8.84 16.72
N ASN A 11 11.33 -8.84 16.67
CA ASN A 11 12.02 -7.58 16.75
C ASN A 11 12.54 -7.32 15.40
N PHE A 12 11.86 -6.42 14.70
CA PHE A 12 12.25 -6.16 13.37
C PHE A 12 13.68 -5.58 13.30
N TYR A 13 14.13 -4.94 14.37
CA TYR A 13 15.43 -4.29 14.34
C TYR A 13 16.55 -5.33 14.48
N GLU A 14 16.23 -6.47 15.01
CA GLU A 14 17.24 -7.50 15.11
C GLU A 14 17.31 -8.45 13.99
N MET A 15 16.25 -8.54 13.20
CA MET A 15 16.35 -9.36 12.00
C MET A 15 17.33 -8.86 10.95
N ASP A 16 17.91 -9.83 10.28
CA ASP A 16 18.83 -9.55 9.18
C ASP A 16 18.04 -9.65 7.89
N TRP A 17 17.61 -8.50 7.40
CA TRP A 17 16.78 -8.44 6.20
C TRP A 17 17.50 -8.53 4.86
N SER A 18 18.28 -9.60 4.70
CA SER A 18 19.05 -9.89 3.48
C SER A 18 18.15 -10.84 2.68
N LEU A 19 17.19 -10.22 1.94
CA LEU A 19 16.17 -11.00 1.35
C LEU A 19 16.72 -11.89 0.25
N LYS A 20 16.13 -13.05 0.14
CA LYS A 20 16.50 -14.05 -0.88
C LYS A 20 15.26 -14.72 -1.50
N GLY A 21 15.40 -15.29 -2.71
CA GLY A 21 14.41 -16.17 -3.30
C GLY A 21 13.68 -15.40 -4.39
N ASP A 22 12.34 -15.56 -4.43
CA ASP A 22 11.52 -15.08 -5.50
C ASP A 22 11.14 -13.65 -5.05
N LEU A 23 11.92 -12.69 -5.49
CA LEU A 23 11.77 -11.27 -5.04
C LEU A 23 11.14 -10.32 -6.03
N TRP A 24 10.67 -10.78 -7.18
CA TRP A 24 9.99 -9.87 -8.12
C TRP A 24 8.71 -9.44 -7.47
N ALA A 25 8.50 -8.10 -7.33
CA ALA A 25 7.34 -7.61 -6.67
C ALA A 25 7.13 -6.15 -7.00
N HIS A 26 5.88 -5.75 -7.12
CA HIS A 26 5.54 -4.37 -7.38
C HIS A 26 4.35 -4.01 -6.52
N ALA A 27 4.47 -2.96 -5.72
CA ALA A 27 3.44 -2.57 -4.78
C ALA A 27 3.11 -3.67 -3.79
N PRO A 28 4.09 -4.10 -2.98
CA PRO A 28 3.90 -5.20 -2.04
C PRO A 28 3.35 -4.79 -0.67
N VAL A 29 2.49 -5.64 -0.11
CA VAL A 29 2.06 -5.48 1.29
C VAL A 29 2.29 -6.81 1.94
N ILE A 30 2.32 -6.83 3.26
CA ILE A 30 2.67 -7.99 4.02
C ILE A 30 1.70 -8.23 5.16
N ALA A 31 1.43 -9.50 5.41
CA ALA A 31 0.71 -9.97 6.59
C ALA A 31 1.39 -11.22 7.17
N LYS A 32 1.23 -11.43 8.47
CA LYS A 32 1.83 -12.58 9.14
C LYS A 32 0.76 -13.32 9.88
N GLU A 33 0.78 -14.63 9.78
CA GLU A 33 -0.21 -15.47 10.46
C GLU A 33 0.56 -16.71 10.95
N GLY A 34 0.82 -16.76 12.24
CA GLY A 34 1.75 -17.80 12.79
C GLY A 34 3.19 -17.76 12.33
N SER A 35 3.71 -18.88 11.93
CA SER A 35 5.10 -18.88 11.57
C SER A 35 5.25 -18.40 10.11
N ARG A 36 4.13 -18.17 9.40
CA ARG A 36 4.16 -17.87 7.98
C ARG A 36 3.93 -16.40 7.71
N TRP A 37 4.66 -15.88 6.74
CA TRP A 37 4.56 -14.48 6.28
C TRP A 37 4.08 -14.52 4.87
N TYR A 38 3.31 -13.51 4.45
CA TYR A 38 2.76 -13.45 3.12
C TYR A 38 2.95 -12.07 2.54
N VAL A 39 3.33 -11.99 1.27
CA VAL A 39 3.36 -10.79 0.49
C VAL A 39 2.21 -10.92 -0.53
N PHE A 40 1.41 -9.87 -0.64
CA PHE A 40 0.48 -9.67 -1.74
C PHE A 40 1.03 -8.52 -2.59
N HIS A 41 0.99 -8.67 -3.90
CA HIS A 41 1.50 -7.66 -4.76
C HIS A 41 0.81 -7.62 -6.16
N THR A 42 1.11 -6.58 -6.92
CA THR A 42 0.53 -6.43 -8.24
C THR A 42 0.89 -7.61 -9.14
N GLY A 43 -0.10 -8.12 -9.86
CA GLY A 43 0.14 -9.19 -10.83
C GLY A 43 -1.14 -9.86 -11.13
N SER A 44 -1.01 -10.94 -11.95
CA SER A 44 -2.15 -11.69 -12.41
C SER A 44 -2.94 -12.22 -11.27
N GLY A 45 -4.19 -11.77 -11.16
CA GLY A 45 -5.11 -12.14 -10.12
C GLY A 45 -4.77 -11.79 -8.69
N ILE A 46 -3.82 -10.83 -8.54
CA ILE A 46 -3.09 -10.51 -7.31
C ILE A 46 -2.12 -11.66 -6.98
N GLN A 47 -0.83 -11.35 -7.01
CA GLN A 47 0.17 -12.35 -6.74
C GLN A 47 0.46 -12.47 -5.25
N ILE A 48 0.80 -13.69 -4.80
CA ILE A 48 1.04 -13.97 -3.42
C ILE A 48 2.41 -14.65 -3.30
N LYS A 49 3.20 -14.27 -2.32
CA LYS A 49 4.43 -15.00 -1.91
C LYS A 49 4.29 -15.42 -0.49
N THR A 50 5.08 -16.41 -0.08
CA THR A 50 5.05 -16.84 1.31
C THR A 50 6.48 -17.00 1.83
N SER A 51 6.63 -16.96 3.14
CA SER A 51 7.97 -17.13 3.76
C SER A 51 7.80 -17.70 5.14
N GLU A 52 8.78 -18.53 5.53
CA GLU A 52 8.79 -19.09 6.91
C GLU A 52 9.35 -18.10 7.94
N ASP A 53 10.06 -17.11 7.47
CA ASP A 53 10.84 -16.21 8.34
C ASP A 53 10.83 -14.70 8.03
N GLY A 54 10.19 -14.30 6.95
CA GLY A 54 10.17 -12.92 6.50
C GLY A 54 11.28 -12.49 5.56
N VAL A 55 12.28 -13.36 5.35
CA VAL A 55 13.52 -13.05 4.64
C VAL A 55 13.73 -13.84 3.34
N HIS A 56 13.46 -15.14 3.40
CA HIS A 56 13.48 -15.97 2.24
C HIS A 56 12.05 -16.23 1.70
N TRP A 57 11.82 -15.83 0.46
CA TRP A 57 10.47 -15.73 -0.15
C TRP A 57 10.29 -16.75 -1.28
N GLU A 58 9.10 -17.36 -1.31
CA GLU A 58 8.74 -18.22 -2.42
C GLU A 58 7.40 -17.82 -2.99
N ASN A 59 7.28 -17.83 -4.29
CA ASN A 59 6.00 -17.56 -4.94
C ASN A 59 4.95 -18.59 -4.46
N MET A 60 3.71 -18.13 -4.25
CA MET A 60 2.62 -18.97 -3.79
C MET A 60 1.35 -18.60 -4.60
N GLY A 61 1.45 -18.41 -5.89
CA GLY A 61 0.23 -18.32 -6.66
C GLY A 61 -0.52 -17.00 -6.53
N ARG A 62 -1.84 -17.09 -6.67
CA ARG A 62 -2.71 -15.92 -6.80
C ARG A 62 -4.01 -16.00 -6.09
N VAL A 63 -4.63 -14.83 -5.90
CA VAL A 63 -5.92 -14.74 -5.27
C VAL A 63 -7.07 -15.22 -6.20
N PHE A 64 -7.14 -14.67 -7.40
CA PHE A 64 -8.22 -15.02 -8.36
C PHE A 64 -7.65 -15.74 -9.58
N PRO A 65 -8.32 -16.84 -10.07
CA PRO A 65 -7.93 -17.48 -11.34
C PRO A 65 -8.23 -16.66 -12.59
N SER A 66 -9.21 -15.78 -12.50
CA SER A 66 -9.50 -14.85 -13.55
C SER A 66 -10.18 -13.61 -12.90
N LEU A 67 -10.25 -12.58 -13.67
CA LEU A 67 -10.78 -11.31 -13.22
C LEU A 67 -12.21 -11.50 -12.75
N PRO A 68 -12.58 -10.97 -11.59
CA PRO A 68 -13.99 -11.05 -11.20
C PRO A 68 -14.86 -10.48 -12.30
N ASP A 69 -16.02 -11.08 -12.53
CA ASP A 69 -16.90 -10.66 -13.57
C ASP A 69 -17.40 -9.22 -13.47
N TRP A 70 -17.68 -8.75 -12.26
CA TRP A 70 -18.21 -7.42 -12.07
C TRP A 70 -17.24 -6.30 -12.56
N CYS A 71 -15.91 -6.58 -12.54
CA CYS A 71 -14.81 -5.62 -12.84
C CYS A 71 -15.06 -5.05 -14.21
N LYS A 72 -15.58 -5.86 -15.13
CA LYS A 72 -15.68 -5.48 -16.53
C LYS A 72 -16.71 -4.34 -16.74
N GLN A 73 -17.69 -4.25 -15.84
CA GLN A 73 -18.65 -3.18 -15.89
C GLN A 73 -17.99 -1.80 -15.61
N TYR A 74 -17.03 -1.79 -14.71
CA TYR A 74 -16.36 -0.54 -14.35
C TYR A 74 -15.20 -0.10 -15.26
N VAL A 75 -14.49 -1.09 -15.80
CA VAL A 75 -13.30 -0.92 -16.58
C VAL A 75 -13.41 -1.80 -17.82
N PRO A 76 -14.32 -1.42 -18.70
CA PRO A 76 -14.60 -2.31 -19.82
C PRO A 76 -13.44 -2.48 -20.82
N GLU A 77 -12.55 -1.52 -20.89
CA GLU A 77 -11.37 -1.62 -21.74
C GLU A 77 -10.21 -2.51 -21.20
N LYS A 78 -10.31 -3.01 -20.00
CA LYS A 78 -9.27 -3.87 -19.45
C LYS A 78 -9.27 -5.24 -20.14
N ASP A 79 -8.15 -5.62 -20.71
CA ASP A 79 -8.14 -6.88 -21.44
C ASP A 79 -7.08 -7.82 -20.94
N GLU A 80 -6.63 -7.65 -19.67
CA GLU A 80 -5.74 -8.62 -19.01
C GLU A 80 -6.18 -8.70 -17.55
N ASP A 81 -5.58 -9.61 -16.81
CA ASP A 81 -6.03 -9.91 -15.44
C ASP A 81 -5.12 -9.44 -14.31
N HIS A 82 -4.26 -8.50 -14.62
CA HIS A 82 -3.34 -7.95 -13.65
C HIS A 82 -4.09 -6.95 -12.78
N LEU A 83 -4.12 -7.27 -11.50
CA LEU A 83 -4.71 -6.42 -10.47
C LEU A 83 -3.63 -5.73 -9.63
N TRP A 84 -3.86 -4.45 -9.23
CA TRP A 84 -2.75 -3.64 -8.75
C TRP A 84 -2.85 -3.24 -7.30
N ALA A 85 -1.70 -3.22 -6.69
CA ALA A 85 -1.52 -2.51 -5.44
C ALA A 85 -2.47 -2.94 -4.31
N PRO A 86 -2.47 -4.24 -4.03
CA PRO A 86 -3.35 -4.75 -2.93
C PRO A 86 -3.00 -4.21 -1.56
N ASP A 87 -3.96 -4.25 -0.66
CA ASP A 87 -3.72 -3.82 0.69
C ASP A 87 -4.49 -4.75 1.55
N ILE A 88 -3.86 -5.19 2.65
CA ILE A 88 -4.46 -6.20 3.55
C ILE A 88 -4.55 -5.68 4.97
N CYS A 89 -5.68 -5.97 5.58
CA CYS A 89 -5.78 -5.82 7.04
C CYS A 89 -6.63 -6.96 7.62
N PHE A 90 -6.62 -7.05 8.94
CA PHE A 90 -7.25 -8.18 9.63
C PHE A 90 -8.14 -7.60 10.72
N TYR A 91 -9.46 -7.91 10.63
CA TYR A 91 -10.41 -7.26 11.49
C TYR A 91 -11.64 -8.13 11.70
N ASN A 92 -12.00 -8.30 12.96
CA ASN A 92 -13.14 -9.20 13.29
C ASN A 92 -12.98 -10.59 12.76
N GLY A 93 -11.77 -11.08 12.78
CA GLY A 93 -11.49 -12.43 12.33
C GLY A 93 -11.46 -12.67 10.85
N ILE A 94 -11.48 -11.58 10.06
CA ILE A 94 -11.54 -11.63 8.60
C ILE A 94 -10.39 -10.83 8.04
N TYR A 95 -9.73 -11.37 7.04
CA TYR A 95 -8.76 -10.62 6.23
C TYR A 95 -9.51 -9.84 5.17
N TYR A 96 -9.25 -8.53 5.04
CA TYR A 96 -9.89 -7.72 4.07
C TYR A 96 -8.74 -7.31 3.09
N LEU A 97 -8.87 -7.69 1.82
CA LEU A 97 -7.89 -7.47 0.84
C LEU A 97 -8.45 -6.59 -0.27
N TYR A 98 -7.97 -5.36 -0.30
CA TYR A 98 -8.42 -4.41 -1.31
C TYR A 98 -7.45 -4.47 -2.46
N TYR A 99 -7.95 -4.18 -3.64
CA TYR A 99 -7.12 -4.20 -4.85
C TYR A 99 -7.65 -3.24 -5.90
N SER A 100 -6.84 -2.94 -6.91
CA SER A 100 -7.17 -1.93 -7.88
C SER A 100 -7.38 -2.56 -9.29
N VAL A 101 -8.46 -2.18 -9.92
CA VAL A 101 -8.78 -2.58 -11.28
C VAL A 101 -8.68 -1.36 -12.14
N SER A 102 -7.76 -1.33 -13.09
CA SER A 102 -7.49 -0.12 -13.85
C SER A 102 -6.73 -0.44 -15.09
N THR A 103 -6.49 0.62 -15.84
CA THR A 103 -5.59 0.57 -16.98
C THR A 103 -4.63 1.75 -16.86
N PHE A 104 -3.36 1.54 -17.25
CA PHE A 104 -2.30 2.54 -17.00
C PHE A 104 -2.58 3.88 -17.70
N GLY A 105 -2.49 4.95 -16.94
CA GLY A 105 -2.58 6.30 -17.49
C GLY A 105 -4.00 6.86 -17.60
N LYS A 106 -5.00 6.11 -17.15
CA LYS A 106 -6.36 6.49 -17.22
C LYS A 106 -7.01 6.34 -15.86
N ASN A 107 -8.06 7.09 -15.59
CA ASN A 107 -8.68 7.06 -14.27
C ASN A 107 -10.06 6.41 -14.31
N THR A 108 -10.29 5.55 -15.28
CA THR A 108 -11.48 4.66 -15.26
C THR A 108 -11.03 3.47 -14.44
N SER A 109 -11.42 3.47 -13.15
CA SER A 109 -10.85 2.52 -12.22
C SER A 109 -11.83 2.16 -11.12
N VAL A 110 -11.61 1.02 -10.48
CA VAL A 110 -12.38 0.62 -9.30
C VAL A 110 -11.46 -0.12 -8.34
N ILE A 111 -11.74 0.08 -7.04
CA ILE A 111 -11.15 -0.72 -5.98
C ILE A 111 -12.14 -1.80 -5.58
N GLY A 112 -11.69 -3.06 -5.56
CA GLY A 112 -12.49 -4.25 -5.15
C GLY A 112 -12.05 -4.72 -3.82
N LEU A 113 -12.85 -5.56 -3.18
CA LEU A 113 -12.56 -6.16 -1.86
C LEU A 113 -12.76 -7.70 -1.96
N ALA A 114 -11.77 -8.44 -1.50
CA ALA A 114 -11.89 -9.88 -1.31
C ALA A 114 -11.64 -10.16 0.18
N THR A 115 -12.22 -11.24 0.70
CA THR A 115 -12.07 -11.52 2.16
C THR A 115 -11.72 -12.98 2.29
N ASN A 116 -11.04 -13.31 3.38
CA ASN A 116 -10.68 -14.69 3.71
C ASN A 116 -10.68 -14.83 5.20
N ARG A 117 -10.87 -16.06 5.69
CA ARG A 117 -10.69 -16.31 7.13
C ARG A 117 -9.26 -16.68 7.53
N THR A 118 -8.43 -17.05 6.57
CA THR A 118 -7.08 -17.43 6.80
C THR A 118 -6.27 -17.19 5.55
N LEU A 119 -4.96 -17.03 5.71
CA LEU A 119 -4.09 -16.80 4.57
C LEU A 119 -3.37 -18.14 4.19
N ASP A 120 -3.59 -19.21 4.97
CA ASP A 120 -2.84 -20.48 4.70
C ASP A 120 -3.65 -21.38 3.79
N PRO A 121 -3.22 -21.58 2.57
CA PRO A 121 -4.05 -22.37 1.66
C PRO A 121 -4.13 -23.87 1.98
N ARG A 122 -3.28 -24.36 2.88
CA ARG A 122 -3.46 -25.70 3.46
C ARG A 122 -4.59 -25.77 4.50
N ASP A 123 -5.12 -24.64 4.93
CA ASP A 123 -6.16 -24.66 5.91
C ASP A 123 -7.45 -24.97 5.17
N PRO A 124 -8.20 -26.00 5.66
CA PRO A 124 -9.51 -26.27 5.02
C PRO A 124 -10.47 -25.06 4.90
N ASP A 125 -10.37 -24.05 5.75
CA ASP A 125 -11.20 -22.85 5.65
C ASP A 125 -10.69 -21.80 4.64
N TYR A 126 -9.56 -22.03 4.04
CA TYR A 126 -9.06 -21.06 3.06
C TYR A 126 -10.00 -20.89 1.88
N GLU A 127 -10.46 -19.67 1.65
CA GLU A 127 -11.27 -19.30 0.48
C GLU A 127 -11.39 -17.76 0.30
N TRP A 128 -10.87 -17.22 -0.82
CA TRP A 128 -11.02 -15.80 -1.09
C TRP A 128 -12.41 -15.58 -1.67
N LYS A 129 -13.22 -14.79 -0.97
CA LYS A 129 -14.58 -14.42 -1.36
C LYS A 129 -14.53 -13.09 -2.05
N ASP A 130 -15.14 -13.01 -3.22
CA ASP A 130 -15.27 -11.79 -3.98
C ASP A 130 -16.39 -10.95 -3.38
N MET A 131 -16.04 -9.84 -2.69
CA MET A 131 -17.02 -8.94 -2.12
C MET A 131 -17.35 -7.68 -2.91
N GLY A 132 -16.99 -7.69 -4.19
CA GLY A 132 -17.40 -6.66 -5.07
C GLY A 132 -16.70 -5.31 -4.91
N PRO A 133 -17.30 -4.26 -5.52
CA PRO A 133 -16.71 -2.93 -5.60
C PRO A 133 -16.77 -2.14 -4.31
N VAL A 134 -15.73 -1.34 -4.07
CA VAL A 134 -15.58 -0.48 -2.89
C VAL A 134 -15.80 0.96 -3.22
N ILE A 135 -15.09 1.46 -4.25
CA ILE A 135 -15.22 2.82 -4.68
C ILE A 135 -14.61 2.87 -6.08
N HIS A 136 -15.16 3.73 -6.93
CA HIS A 136 -14.75 3.86 -8.33
C HIS A 136 -14.47 5.28 -8.76
N SER A 137 -13.85 5.38 -9.91
CA SER A 137 -13.62 6.59 -10.61
C SER A 137 -13.91 6.44 -12.09
N THR A 138 -14.41 7.54 -12.66
CA THR A 138 -14.60 7.68 -14.10
C THR A 138 -13.81 8.85 -14.66
N ALA A 139 -13.86 8.97 -15.96
CA ALA A 139 -13.09 9.96 -16.68
C ALA A 139 -13.57 11.36 -16.32
N SER A 140 -14.80 11.48 -15.86
CA SER A 140 -15.30 12.76 -15.42
C SER A 140 -14.95 13.17 -13.97
N ASP A 141 -14.33 12.26 -13.21
CA ASP A 141 -13.88 12.54 -11.89
C ASP A 141 -12.48 13.07 -11.92
N ASN A 142 -12.16 13.89 -10.92
CA ASN A 142 -10.80 14.36 -10.74
C ASN A 142 -10.05 13.62 -9.69
N TYR A 143 -10.23 12.30 -9.65
CA TYR A 143 -9.42 11.45 -8.78
C TYR A 143 -9.36 10.08 -9.50
N ASN A 144 -8.52 9.20 -8.99
CA ASN A 144 -8.34 7.87 -9.53
C ASN A 144 -8.41 6.83 -8.44
N ALA A 145 -9.41 5.97 -8.57
CA ALA A 145 -9.69 4.88 -7.60
C ALA A 145 -8.78 3.67 -7.72
N ILE A 146 -7.50 3.92 -7.42
CA ILE A 146 -6.47 2.89 -7.29
C ILE A 146 -5.68 3.12 -5.98
N ASP A 147 -4.81 2.18 -5.67
CA ASP A 147 -3.82 2.29 -4.58
C ASP A 147 -4.45 2.42 -3.19
N PRO A 148 -5.35 1.45 -2.87
CA PRO A 148 -5.98 1.52 -1.55
C PRO A 148 -5.04 1.30 -0.33
N ASN A 149 -5.44 1.90 0.79
CA ASN A 149 -4.93 1.57 2.15
C ASN A 149 -5.98 1.79 3.15
N VAL A 150 -6.05 0.84 4.08
CA VAL A 150 -6.95 0.99 5.22
C VAL A 150 -6.17 1.19 6.50
N VAL A 151 -6.65 2.18 7.25
CA VAL A 151 -6.07 2.46 8.57
C VAL A 151 -7.29 2.62 9.53
N PHE A 152 -7.11 2.26 10.80
CA PHE A 152 -8.11 2.56 11.81
C PHE A 152 -7.58 3.73 12.63
N ASP A 153 -8.42 4.74 12.86
CA ASP A 153 -8.04 5.88 13.64
C ASP A 153 -8.08 5.52 15.15
N GLN A 154 -7.68 6.51 15.96
CA GLN A 154 -7.50 6.29 17.40
C GLN A 154 -8.85 5.98 18.05
N GLU A 155 -9.96 6.40 17.44
CA GLU A 155 -11.28 6.01 17.87
C GLU A 155 -11.81 4.68 17.28
N GLY A 156 -10.95 3.87 16.63
CA GLY A 156 -11.40 2.61 16.05
C GLY A 156 -12.23 2.64 14.80
N GLN A 157 -12.25 3.84 14.18
CA GLN A 157 -12.99 4.05 12.91
C GLN A 157 -12.07 3.68 11.72
N PRO A 158 -12.52 2.78 10.86
CA PRO A 158 -11.70 2.52 9.67
C PRO A 158 -11.88 3.58 8.60
N TRP A 159 -10.77 3.82 7.91
CA TRP A 159 -10.66 4.82 6.84
C TRP A 159 -9.93 4.18 5.65
N LEU A 160 -10.36 4.58 4.47
CA LEU A 160 -9.73 4.28 3.22
C LEU A 160 -9.03 5.48 2.65
N SER A 161 -7.73 5.39 2.46
CA SER A 161 -7.00 6.39 1.56
C SER A 161 -6.77 5.68 0.27
N PHE A 162 -6.65 6.45 -0.81
CA PHE A 162 -6.34 5.90 -2.08
C PHE A 162 -5.93 7.07 -2.98
N GLY A 163 -5.62 6.75 -4.22
CA GLY A 163 -5.44 7.74 -5.29
C GLY A 163 -4.07 7.75 -5.94
N SER A 164 -4.06 8.43 -7.09
CA SER A 164 -2.93 8.45 -7.97
C SER A 164 -3.19 9.52 -9.04
N PHE A 165 -2.32 10.53 -9.07
CA PHE A 165 -2.46 11.62 -9.98
C PHE A 165 -3.84 12.28 -9.87
N TRP A 166 -4.28 13.00 -10.90
CA TRP A 166 -5.49 13.77 -10.85
C TRP A 166 -5.39 14.74 -9.67
N SER A 167 -6.40 14.85 -8.81
CA SER A 167 -6.27 15.79 -7.70
C SER A 167 -5.42 15.30 -6.55
N GLY A 168 -5.00 14.01 -6.56
CA GLY A 168 -4.08 13.50 -5.57
C GLY A 168 -4.72 12.46 -4.70
N ILE A 169 -4.28 12.47 -3.44
CA ILE A 169 -4.65 11.45 -2.43
C ILE A 169 -5.97 11.77 -1.79
N GLN A 170 -6.84 10.75 -1.78
CA GLN A 170 -8.18 10.83 -1.25
C GLN A 170 -8.30 10.07 0.01
N LEU A 171 -9.30 10.45 0.81
CA LEU A 171 -9.59 9.83 2.12
C LEU A 171 -11.09 9.74 2.28
N ILE A 172 -11.57 8.58 2.76
CA ILE A 172 -13.01 8.41 3.02
C ILE A 172 -13.17 7.45 4.20
N GLN A 173 -14.19 7.71 5.03
CA GLN A 173 -14.49 6.80 6.13
C GLN A 173 -15.21 5.56 5.64
N LEU A 174 -14.88 4.42 6.23
CA LEU A 174 -15.51 3.16 5.94
C LEU A 174 -16.51 2.81 7.07
N ASP A 175 -17.53 2.07 6.69
CA ASP A 175 -18.46 1.41 7.65
C ASP A 175 -17.78 0.16 8.17
N THR A 176 -17.76 -0.06 9.48
CA THR A 176 -17.17 -1.29 10.09
C THR A 176 -17.82 -2.60 9.68
N GLU A 177 -19.11 -2.57 9.33
CA GLU A 177 -19.84 -3.77 8.93
C GLU A 177 -19.51 -4.23 7.49
N THR A 178 -19.40 -3.28 6.56
CA THR A 178 -19.20 -3.60 5.18
C THR A 178 -17.74 -3.45 4.78
N MET A 179 -17.00 -2.67 5.59
CA MET A 179 -15.64 -2.26 5.24
C MET A 179 -15.63 -1.61 3.84
N LYS A 180 -16.70 -0.93 3.52
CA LYS A 180 -16.78 -0.07 2.31
C LYS A 180 -17.28 1.30 2.77
N PRO A 181 -17.16 2.34 1.95
CA PRO A 181 -17.47 3.65 2.40
C PRO A 181 -18.80 3.84 3.02
N ALA A 182 -18.80 4.50 4.20
CA ALA A 182 -20.03 4.76 4.94
C ALA A 182 -20.93 5.61 4.03
N ALA A 183 -22.23 5.33 4.03
CA ALA A 183 -23.17 6.03 3.12
C ALA A 183 -23.15 7.57 3.28
N GLN A 184 -22.84 8.05 4.49
CA GLN A 184 -22.84 9.48 4.78
C GLN A 184 -21.47 10.11 4.83
N ALA A 185 -20.46 9.33 4.40
CA ALA A 185 -19.07 9.83 4.25
C ALA A 185 -18.79 10.59 2.90
N GLU A 186 -18.04 11.64 3.06
CA GLU A 186 -17.59 12.56 2.01
C GLU A 186 -16.16 12.12 1.60
N LEU A 187 -15.81 12.37 0.35
CA LEU A 187 -14.44 12.18 -0.09
C LEU A 187 -13.63 13.43 0.15
N LEU A 188 -12.50 13.30 0.82
CA LEU A 188 -11.59 14.41 1.18
C LEU A 188 -10.25 14.27 0.42
N THR A 189 -9.75 15.35 -0.18
CA THR A 189 -8.42 15.32 -0.71
C THR A 189 -7.46 15.78 0.39
N ILE A 190 -6.43 14.96 0.64
CA ILE A 190 -5.46 15.14 1.69
C ILE A 190 -4.05 15.41 1.31
N ALA A 191 -3.68 15.10 0.05
CA ALA A 191 -2.30 15.44 -0.40
C ALA A 191 -2.34 15.65 -1.90
N SER A 192 -1.41 16.50 -2.32
CA SER A 192 -1.24 16.82 -3.74
C SER A 192 0.13 17.46 -3.95
N ARG A 193 0.77 17.20 -5.13
CA ARG A 193 2.00 17.97 -5.46
C ARG A 193 1.69 19.43 -5.72
N GLY A 194 0.45 19.74 -6.04
CA GLY A 194 0.00 21.11 -6.27
C GLY A 194 0.48 21.57 -7.61
N GLU A 195 0.95 20.64 -8.44
CA GLU A 195 1.40 20.92 -9.79
C GLU A 195 1.02 19.75 -10.73
N GLU A 196 1.23 19.93 -12.03
CA GLU A 196 0.89 18.99 -13.07
C GLU A 196 2.17 18.64 -13.75
N PRO A 197 2.36 17.36 -14.07
CA PRO A 197 1.61 16.18 -13.63
C PRO A 197 1.62 16.05 -12.11
N ASN A 198 0.51 15.59 -11.56
CA ASN A 198 0.39 15.58 -10.09
C ASN A 198 0.88 14.22 -9.61
N ALA A 199 2.21 14.06 -9.63
CA ALA A 199 2.80 12.78 -9.47
C ALA A 199 2.95 12.41 -7.96
N ILE A 200 1.80 11.93 -7.43
CA ILE A 200 1.67 11.53 -6.03
C ILE A 200 0.66 10.36 -6.07
N GLU A 201 1.03 9.29 -5.38
CA GLU A 201 0.21 8.05 -5.37
C GLU A 201 0.54 7.18 -4.22
N ALA A 202 0.00 5.96 -4.23
CA ALA A 202 0.35 4.94 -3.25
C ALA A 202 0.32 5.35 -1.76
N PRO A 203 -0.77 5.96 -1.30
CA PRO A 203 -0.79 6.37 0.08
C PRO A 203 -0.75 5.17 1.05
N PHE A 204 -0.23 5.42 2.25
CA PHE A 204 -0.24 4.44 3.32
C PHE A 204 -0.19 5.27 4.57
N ILE A 205 -1.17 5.05 5.47
CA ILE A 205 -1.25 5.88 6.70
C ILE A 205 -1.10 4.97 7.90
N VAL A 206 -0.22 5.40 8.79
CA VAL A 206 -0.09 4.69 10.10
C VAL A 206 -0.27 5.70 11.21
N CYS A 207 -0.71 5.21 12.37
CA CYS A 207 -0.75 6.06 13.57
C CYS A 207 0.42 5.70 14.52
N ARG A 208 1.22 6.67 14.93
CA ARG A 208 2.33 6.36 15.82
C ARG A 208 2.49 7.53 16.75
N ASN A 209 2.39 7.20 18.05
CA ASN A 209 2.68 8.16 19.13
C ASN A 209 2.01 9.54 18.94
N GLY A 210 0.73 9.52 18.67
CA GLY A 210 -0.08 10.72 18.64
C GLY A 210 -0.26 11.41 17.31
N TYR A 211 0.41 10.94 16.23
CA TYR A 211 0.20 11.49 14.91
C TYR A 211 -0.19 10.45 13.92
N TYR A 212 -0.92 10.88 12.91
CA TYR A 212 -1.11 10.09 11.66
C TYR A 212 0.02 10.44 10.67
N TYR A 213 0.69 9.40 10.16
CA TYR A 213 1.77 9.61 9.17
C TYR A 213 1.26 9.12 7.84
N LEU A 214 1.30 9.97 6.82
CA LEU A 214 0.90 9.70 5.44
C LEU A 214 2.18 9.54 4.67
N PHE A 215 2.43 8.30 4.25
CA PHE A 215 3.52 7.93 3.38
C PHE A 215 2.92 7.93 1.98
N VAL A 216 3.65 8.49 1.00
CA VAL A 216 3.21 8.47 -0.37
C VAL A 216 4.44 8.24 -1.27
N SER A 217 4.18 7.97 -2.55
CA SER A 217 5.26 7.89 -3.52
C SER A 217 5.11 9.12 -4.43
N PHE A 218 6.23 9.78 -4.68
CA PHE A 218 6.35 10.87 -5.62
C PHE A 218 7.02 10.45 -6.96
N ASP A 219 6.61 11.17 -8.02
CA ASP A 219 7.25 11.08 -9.34
C ASP A 219 6.89 9.74 -10.04
N PHE A 220 7.73 9.18 -10.92
CA PHE A 220 7.23 8.26 -11.91
C PHE A 220 7.72 6.87 -11.64
N CYS A 221 6.74 6.02 -11.38
CA CYS A 221 6.94 4.58 -11.32
C CYS A 221 7.08 3.95 -12.70
N CYS A 222 7.30 2.65 -12.71
CA CYS A 222 6.84 1.83 -13.79
C CYS A 222 7.66 2.06 -15.08
N ARG A 223 8.87 2.54 -14.91
CA ARG A 223 9.75 2.83 -16.05
C ARG A 223 11.10 2.17 -15.85
N GLY A 224 11.16 1.10 -15.08
CA GLY A 224 12.44 0.35 -14.95
C GLY A 224 13.52 1.27 -14.41
N ILE A 225 14.69 1.19 -15.03
CA ILE A 225 15.80 2.05 -14.59
C ILE A 225 15.62 3.52 -14.92
N GLU A 226 14.62 3.89 -15.75
CA GLU A 226 14.23 5.28 -15.93
C GLU A 226 13.28 5.86 -14.88
N SER A 227 12.81 5.03 -13.93
CA SER A 227 11.91 5.53 -12.90
C SER A 227 12.52 6.58 -12.02
N THR A 228 11.69 7.46 -11.52
CA THR A 228 12.11 8.55 -10.63
C THR A 228 11.35 8.51 -9.31
N TYR A 229 10.70 7.38 -9.04
CA TYR A 229 9.98 7.21 -7.77
C TYR A 229 10.80 7.57 -6.54
N LYS A 230 10.15 8.16 -5.50
CA LYS A 230 10.75 8.37 -4.21
C LYS A 230 9.63 8.18 -3.19
N ILE A 231 10.05 7.86 -1.99
CA ILE A 231 9.12 7.75 -0.89
C ILE A 231 9.16 9.03 -0.05
N ALA A 232 8.01 9.58 0.25
CA ALA A 232 7.85 10.80 1.03
C ALA A 232 6.87 10.61 2.20
N VAL A 233 7.02 11.42 3.27
CA VAL A 233 6.13 11.33 4.39
C VAL A 233 5.79 12.69 4.95
N GLY A 234 4.59 12.77 5.50
CA GLY A 234 4.13 13.88 6.33
C GLY A 234 3.25 13.39 7.44
N ARG A 235 2.85 14.31 8.30
CA ARG A 235 2.04 13.89 9.46
C ARG A 235 1.03 14.91 9.88
N SER A 236 0.04 14.45 10.62
CA SER A 236 -1.01 15.31 11.12
C SER A 236 -1.54 14.75 12.46
N LYS A 237 -2.02 15.67 13.32
CA LYS A 237 -2.69 15.16 14.59
C LYS A 237 -4.09 14.62 14.30
N ASP A 238 -4.72 15.05 13.23
CA ASP A 238 -6.04 14.55 12.80
C ASP A 238 -5.89 13.80 11.50
N ILE A 239 -6.60 12.69 11.38
CA ILE A 239 -6.46 11.85 10.19
C ILE A 239 -6.89 12.59 8.89
N THR A 240 -7.81 13.55 9.03
CA THR A 240 -8.28 14.37 7.93
C THR A 240 -7.33 15.54 7.61
N GLY A 241 -6.16 15.67 8.29
CA GLY A 241 -5.21 16.71 8.00
C GLY A 241 -5.36 17.93 8.88
N PRO A 242 -4.60 18.97 8.63
CA PRO A 242 -3.66 19.06 7.46
C PRO A 242 -2.35 18.35 7.66
N TYR A 243 -1.93 17.52 6.67
CA TYR A 243 -0.66 16.88 6.77
C TYR A 243 0.47 17.85 6.38
N VAL A 244 1.52 17.86 7.17
CA VAL A 244 2.72 18.66 6.88
C VAL A 244 3.93 17.80 6.99
N ASP A 245 4.97 18.15 6.23
CA ASP A 245 6.26 17.49 6.34
C ASP A 245 7.17 17.99 7.47
N LYS A 246 8.38 17.45 7.60
CA LYS A 246 9.26 17.79 8.67
C LYS A 246 9.61 19.28 8.71
N ASN A 247 9.66 19.89 7.54
CA ASN A 247 9.97 21.32 7.43
C ASN A 247 8.77 22.17 7.64
N GLY A 248 7.56 21.60 7.71
CA GLY A 248 6.36 22.39 7.76
C GLY A 248 5.57 22.64 6.52
N VAL A 249 5.99 22.09 5.37
CA VAL A 249 5.32 22.28 4.11
C VAL A 249 4.05 21.43 4.05
N SER A 250 2.97 22.05 3.61
CA SER A 250 1.67 21.41 3.44
C SER A 250 1.77 20.25 2.45
N MET A 251 1.33 19.03 2.81
CA MET A 251 1.27 17.99 1.78
C MET A 251 0.23 18.27 0.68
N MET A 252 -0.64 19.30 0.80
CA MET A 252 -1.52 19.74 -0.29
C MET A 252 -0.79 20.64 -1.30
N GLN A 253 0.38 21.10 -0.90
CA GLN A 253 1.27 21.89 -1.81
C GLN A 253 2.65 21.32 -2.04
N GLY A 254 2.74 20.03 -2.23
CA GLY A 254 4.01 19.36 -2.53
C GLY A 254 4.91 19.03 -1.36
N GLY A 255 4.37 19.26 -0.15
CA GLY A 255 5.09 18.85 1.04
C GLY A 255 5.34 17.33 1.07
N GLY A 256 6.40 16.91 1.73
CA GLY A 256 6.72 15.52 1.88
C GLY A 256 8.20 15.38 2.11
N THR A 257 8.57 14.82 3.24
CA THR A 257 9.98 14.57 3.64
C THR A 257 10.45 13.31 2.92
N ILE A 258 11.49 13.42 2.10
CA ILE A 258 11.96 12.25 1.32
C ILE A 258 12.65 11.26 2.20
N LEU A 259 12.10 10.04 2.34
CA LEU A 259 12.74 8.97 3.09
C LEU A 259 13.72 8.16 2.29
N ASP A 260 13.43 7.98 1.02
CA ASP A 260 14.33 7.25 0.13
C ASP A 260 14.10 7.72 -1.27
N ALA A 261 15.18 8.04 -1.96
CA ALA A 261 15.10 8.30 -3.40
C ALA A 261 15.94 7.33 -4.22
N GLY A 262 16.42 6.29 -3.58
CA GLY A 262 17.16 5.17 -4.19
C GLY A 262 18.62 5.44 -4.28
N ASN A 263 19.31 4.54 -4.95
CA ASN A 263 20.81 4.63 -5.06
C ASN A 263 21.26 4.03 -6.41
N ASP A 264 22.55 3.73 -6.57
CA ASP A 264 23.05 3.32 -7.89
C ASP A 264 22.50 1.96 -8.30
N ARG A 265 22.12 1.11 -7.35
CA ARG A 265 21.52 -0.19 -7.70
C ARG A 265 20.00 -0.16 -7.64
N TRP A 266 19.46 0.46 -6.59
CA TRP A 266 18.00 0.35 -6.35
C TRP A 266 17.41 1.63 -6.84
N ILE A 267 16.82 1.62 -8.03
CA ILE A 267 16.27 2.82 -8.65
C ILE A 267 14.78 2.97 -8.33
N GLY A 268 14.36 4.20 -8.15
CA GLY A 268 12.95 4.48 -7.94
C GLY A 268 12.21 3.65 -6.89
N PRO A 269 12.68 3.69 -5.66
CA PRO A 269 11.93 3.00 -4.62
C PRO A 269 10.62 3.66 -4.36
N GLY A 270 9.59 2.87 -4.10
CA GLY A 270 8.25 3.37 -3.88
C GLY A 270 7.20 2.31 -3.72
N HIS A 271 5.97 2.79 -3.67
CA HIS A 271 4.73 2.12 -3.33
C HIS A 271 4.91 1.32 -2.05
N CYS A 272 4.91 2.06 -0.93
CA CYS A 272 5.38 1.52 0.35
C CYS A 272 4.29 1.16 1.36
N ALA A 273 4.71 0.41 2.36
CA ALA A 273 3.85 -0.02 3.43
C ALA A 273 4.74 0.03 4.70
N VAL A 274 4.12 0.29 5.85
CA VAL A 274 4.82 0.38 7.15
C VAL A 274 4.09 -0.50 8.13
N TYR A 275 4.84 -1.37 8.78
CA TYR A 275 4.29 -2.25 9.84
C TYR A 275 5.12 -2.22 11.09
N PHE A 276 4.49 -2.59 12.22
CA PHE A 276 5.09 -2.46 13.55
C PHE A 276 5.04 -3.77 14.24
N SER A 277 6.07 -4.00 15.06
CA SER A 277 5.98 -5.04 16.09
C SER A 277 6.56 -4.42 17.35
N GLY A 278 5.72 -4.18 18.36
CA GLY A 278 6.01 -3.24 19.43
C GLY A 278 6.43 -1.86 18.99
N VAL A 279 7.60 -1.42 19.41
CA VAL A 279 8.13 -0.13 18.96
C VAL A 279 8.92 -0.30 17.66
N SER A 280 9.26 -1.54 17.28
CA SER A 280 10.05 -1.76 16.03
C SER A 280 9.18 -1.66 14.80
N ALA A 281 9.80 -1.32 13.67
CA ALA A 281 9.06 -1.06 12.43
C ALA A 281 9.83 -1.45 11.20
N ILE A 282 9.10 -1.84 10.17
CA ILE A 282 9.65 -2.07 8.81
C ILE A 282 8.96 -1.16 7.81
N LEU A 283 9.77 -0.77 6.83
CA LEU A 283 9.38 -0.23 5.56
C LEU A 283 9.43 -1.31 4.50
N VAL A 284 8.30 -1.47 3.78
CA VAL A 284 8.17 -2.45 2.66
C VAL A 284 7.92 -1.66 1.39
N ASN A 285 8.63 -1.94 0.31
CA ASN A 285 8.39 -1.23 -0.93
C ASN A 285 8.97 -2.06 -2.05
N HIS A 286 8.83 -1.62 -3.27
CA HIS A 286 9.61 -2.21 -4.38
C HIS A 286 10.59 -1.16 -4.87
N ALA A 287 11.60 -1.62 -5.60
CA ALA A 287 12.58 -0.78 -6.29
C ALA A 287 13.02 -1.54 -7.53
N TYR A 288 13.47 -0.77 -8.51
CA TYR A 288 13.80 -1.29 -9.85
C TYR A 288 15.30 -1.60 -9.84
N ASP A 289 15.61 -2.86 -10.12
CA ASP A 289 16.98 -3.34 -9.89
C ASP A 289 17.87 -3.00 -11.13
N ALA A 290 18.78 -2.10 -10.93
CA ALA A 290 19.59 -1.59 -12.10
C ALA A 290 20.48 -2.71 -12.73
N LEU A 291 20.81 -3.69 -11.95
CA LEU A 291 21.65 -4.78 -12.45
C LEU A 291 20.80 -5.66 -13.34
N LYS A 292 19.60 -5.97 -12.84
CA LYS A 292 18.74 -7.02 -13.39
C LYS A 292 17.65 -6.42 -14.19
N ASN A 293 18.08 -5.56 -15.09
CA ASN A 293 17.30 -5.00 -16.14
C ASN A 293 16.03 -4.25 -15.63
N GLY A 294 16.15 -3.52 -14.51
CA GLY A 294 15.07 -2.70 -13.98
C GLY A 294 13.95 -3.45 -13.37
N GLU A 295 14.08 -4.75 -13.05
CA GLU A 295 12.95 -5.56 -12.62
C GLU A 295 12.57 -5.09 -11.22
N PRO A 296 11.26 -4.88 -10.99
CA PRO A 296 10.91 -4.44 -9.67
C PRO A 296 11.08 -5.54 -8.63
N THR A 297 11.66 -5.15 -7.50
CA THR A 297 12.11 -6.07 -6.51
C THR A 297 11.60 -5.72 -5.13
N LEU A 298 11.19 -6.71 -4.35
CA LEU A 298 10.78 -6.51 -2.97
C LEU A 298 11.94 -6.00 -2.10
N GLN A 299 11.68 -4.96 -1.30
CA GLN A 299 12.57 -4.49 -0.25
C GLN A 299 11.81 -4.50 1.09
N ILE A 300 12.51 -4.91 2.15
CA ILE A 300 12.03 -4.81 3.48
C ILE A 300 13.23 -4.35 4.30
N ARG A 301 13.06 -3.22 5.01
CA ARG A 301 14.13 -2.63 5.81
C ARG A 301 13.57 -2.15 7.13
N PRO A 302 14.43 -2.16 8.16
CA PRO A 302 14.02 -1.62 9.41
C PRO A 302 13.87 -0.10 9.33
N LEU A 303 12.84 0.40 9.96
CA LEU A 303 12.51 1.80 9.97
C LEU A 303 12.54 2.37 11.39
N TYR A 304 13.42 3.33 11.62
CA TYR A 304 13.66 3.94 12.86
C TYR A 304 12.90 5.24 12.94
N TRP A 305 12.77 5.73 14.20
CA TRP A 305 12.01 6.93 14.49
C TRP A 305 12.84 7.82 15.39
N ASP A 306 13.06 9.05 14.91
CA ASP A 306 13.89 9.97 15.67
C ASP A 306 13.17 10.52 16.92
N ASP A 307 13.91 11.36 17.68
CA ASP A 307 13.34 11.95 18.88
C ASP A 307 12.37 13.09 18.65
N GLU A 308 12.06 13.39 17.40
CA GLU A 308 10.95 14.22 17.09
C GLU A 308 9.75 13.45 16.50
N GLY A 309 9.91 12.15 16.43
CA GLY A 309 8.86 11.26 15.86
C GLY A 309 8.91 11.11 14.34
N TRP A 310 9.98 11.47 13.69
CA TRP A 310 10.04 11.32 12.25
C TRP A 310 10.78 10.01 11.88
N PRO A 311 10.27 9.29 10.88
CA PRO A 311 10.92 8.06 10.51
C PRO A 311 12.14 8.27 9.67
N TYR A 312 13.02 7.28 9.72
CA TYR A 312 14.22 7.28 8.89
C TYR A 312 14.82 5.93 8.70
N LEU A 313 15.49 5.79 7.57
CA LEU A 313 16.29 4.61 7.27
C LEU A 313 17.78 4.82 7.68
N LEU A 314 18.45 3.79 8.18
CA LEU A 314 19.87 3.92 8.57
C LEU A 314 20.80 4.20 7.38
N GLU A 315 20.49 3.68 6.21
CA GLU A 315 21.41 3.88 5.07
C GLU A 315 21.58 5.38 4.67
N HIS A 316 20.69 6.26 5.14
CA HIS A 316 20.81 7.73 4.90
C HIS A 316 21.23 8.56 6.13
O5 AHR B . 0.55 0.03 -12.05
C5 AHR B . 0.27 -0.13 -10.67
C4 AHR B . 0.61 1.29 -10.22
O4 AHR B . 2.09 1.64 -9.91
C3 AHR B . 0.04 1.48 -8.86
O3 AHR B . -0.95 1.78 -9.01
C2 AHR B . 1.12 2.70 -8.57
O2 AHR B . 1.16 3.16 -7.28
C1 AHR B . 2.14 1.61 -8.54
O1 AHR B . 3.47 1.87 -7.85
O5 AHR B . 4.41 -3.95 -12.81
C5 AHR B . 3.01 -4.04 -12.71
C4 AHR B . 2.45 -2.59 -13.02
O4 AHR B . 1.87 -1.87 -11.95
C3 AHR B . 1.38 -2.49 -14.17
O3 AHR B . 1.90 -2.64 -15.41
C2 AHR B . 1.26 -0.99 -13.97
O2 AHR B . 0.43 -0.37 -14.89
C1 AHR B . 0.74 -1.18 -12.61
O5 AHR B . 8.88 -0.90 -14.95
C5 AHR B . 8.50 -1.90 -14.37
C4 AHR B . 7.04 -2.04 -13.83
O4 AHR B . 6.50 -3.44 -13.71
C3 AHR B . 6.13 -1.58 -14.90
O3 AHR B . 6.38 -0.23 -15.22
C2 AHR B . 4.87 -1.76 -14.18
O2 AHR B . 3.84 -1.27 -15.11
C1 AHR B . 5.03 -3.32 -13.98
O5 AHR C . -2.19 12.16 -15.12
C5 AHR C . -2.97 13.22 -15.69
C4 AHR C . -3.74 13.96 -14.52
O4 AHR C . -5.05 14.75 -14.92
C3 AHR C . -2.89 15.12 -13.86
O3 AHR C . -1.82 14.73 -13.08
C2 AHR C . -4.03 15.75 -12.99
O2 AHR C . -3.79 16.89 -12.08
C1 AHR C . -5.05 16.09 -14.12
O1 AHR C . -6.24 16.69 -13.44
O5 AHR C . -1.42 8.15 -13.83
C5 AHR C . -1.31 7.98 -15.24
C4 AHR C . -0.94 9.37 -15.54
O4 AHR C . -1.77 10.12 -16.47
C3 AHR C . 0.48 9.54 -15.92
O3 AHR C . 1.47 8.72 -15.07
C2 AHR C . 0.35 11.11 -15.66
O2 AHR C . 1.44 11.87 -16.23
C1 AHR C . -1.24 11.49 -16.12
O5 AHR C . 0.86 5.60 -11.79
C5 AHR C . -0.13 4.92 -11.89
C4 AHR C . -0.70 4.85 -13.14
O4 AHR C . -0.45 6.05 -13.86
C3 AHR C . -2.06 4.99 -13.13
O3 AHR C . -2.13 4.69 -14.25
C2 AHR C . -2.40 6.50 -13.10
O2 AHR C . -2.81 6.87 -12.03
C1 AHR C . -1.19 7.05 -13.15
CA CA D . -0.41 0.70 -1.26
MG MG E . 22.72 -8.42 16.24
#